data_7PVG
#
_entry.id   7PVG
#
_cell.length_a   50.126
_cell.length_b   68.668
_cell.length_c   117.654
_cell.angle_alpha   90.000
_cell.angle_beta   90.000
_cell.angle_gamma   90.000
#
_symmetry.space_group_name_H-M   'I 2 2 2'
#
loop_
_entity.id
_entity.type
_entity.pdbx_description
1 polymer 'Cholinephosphate cytidylyltransferase'
2 non-polymer 'pyridine-4-carboxylic acid'
3 water water
#
_entity_poly.entity_id   1
_entity_poly.type   'polypeptide(L)'
_entity_poly.pdbx_seq_one_letter_code
;GHMAVPDDDDDDDNSNDESEYESSQMDSEKNKGSIKNSKNVVIYADGVYDMLHLGHMKQLEQAKKLFENTTLIVGVTSDN
ETKLFKGQVVQTLEERTETLKHIRWVDEIISPCPWVVTPEFLEKYKIDYVAHDDIPYANNQKEDIYAWLKRAGKFKATQR
TEGVSTTDLIVRILKNYEDY
;
_entity_poly.pdbx_strand_id   A
#
loop_
_chem_comp.id
_chem_comp.type
_chem_comp.name
_chem_comp.formula
S3V non-polymer 'pyridine-4-carboxylic acid' 'C6 H5 N O2'
#
# COMPACT_ATOMS: atom_id res chain seq x y z
N SER A 38 20.82 13.88 -1.53
CA SER A 38 20.04 15.10 -1.63
C SER A 38 18.69 14.97 -0.91
N LYS A 39 17.76 15.87 -1.22
CA LYS A 39 16.53 16.05 -0.46
C LYS A 39 15.84 14.72 -0.17
N ASN A 40 15.43 14.54 1.08
CA ASN A 40 14.67 13.35 1.43
C ASN A 40 13.20 13.54 1.07
N VAL A 41 12.66 12.59 0.30
CA VAL A 41 11.33 12.69 -0.29
C VAL A 41 10.39 11.78 0.48
N VAL A 42 9.22 12.29 0.86
CA VAL A 42 8.25 11.49 1.61
C VAL A 42 7.27 10.87 0.64
N ILE A 43 7.16 9.53 0.67
CA ILE A 43 6.30 8.76 -0.22
C ILE A 43 5.19 8.12 0.62
N TYR A 44 3.98 8.09 0.09
CA TYR A 44 2.82 7.55 0.81
C TYR A 44 2.12 6.53 -0.05
N ALA A 45 2.02 5.30 0.44
CA ALA A 45 1.33 4.22 -0.27
C ALA A 45 0.29 3.63 0.67
N ASP A 46 -0.96 3.69 0.28
CA ASP A 46 -1.97 3.10 1.13
C ASP A 46 -2.46 1.82 0.49
N GLY A 47 -3.03 0.95 1.31
CA GLY A 47 -3.61 -0.27 0.77
C GLY A 47 -4.25 -1.05 1.89
N VAL A 48 -4.91 -2.14 1.48
CA VAL A 48 -5.39 -3.12 2.43
C VAL A 48 -4.25 -3.95 2.99
N TYR A 49 -3.37 -4.42 2.11
CA TYR A 49 -2.22 -5.24 2.51
C TYR A 49 -2.68 -6.51 3.22
N ASP A 50 -3.74 -7.13 2.69
CA ASP A 50 -4.23 -8.40 3.22
C ASP A 50 -3.38 -9.54 2.68
N MET A 51 -3.08 -10.49 3.55
CA MET A 51 -2.32 -11.69 3.22
C MET A 51 -1.15 -11.33 2.30
N LEU A 52 -0.27 -10.50 2.83
CA LEU A 52 0.78 -9.84 2.08
C LEU A 52 1.61 -10.85 1.31
N HIS A 53 1.68 -10.67 0.00
CA HIS A 53 2.39 -11.56 -0.91
C HIS A 53 3.52 -10.80 -1.61
N LEU A 54 4.22 -11.51 -2.50
CA LEU A 54 5.37 -10.94 -3.18
C LEU A 54 4.97 -9.77 -4.08
N GLY A 55 3.72 -9.75 -4.55
CA GLY A 55 3.25 -8.63 -5.36
C GLY A 55 3.16 -7.33 -4.59
N HIS A 56 2.59 -7.38 -3.37
CA HIS A 56 2.61 -6.21 -2.48
C HIS A 56 4.04 -5.76 -2.25
N MET A 57 4.92 -6.70 -1.92
CA MET A 57 6.28 -6.33 -1.54
C MET A 57 7.02 -5.70 -2.72
N LYS A 58 6.85 -6.24 -3.92
CA LYS A 58 7.48 -5.58 -5.06
C LYS A 58 6.99 -4.15 -5.20
N GLN A 59 5.69 -3.94 -5.00
CA GLN A 59 5.11 -2.60 -5.00
C GLN A 59 5.75 -1.69 -3.96
N LEU A 60 5.87 -2.18 -2.72
CA LEU A 60 6.44 -1.33 -1.67
C LEU A 60 7.89 -0.99 -1.98
N GLU A 61 8.66 -1.98 -2.39
CA GLU A 61 10.03 -1.72 -2.82
C GLU A 61 10.06 -0.68 -3.91
N GLN A 62 9.10 -0.71 -4.81
CA GLN A 62 9.11 0.23 -5.92
C GLN A 62 8.86 1.64 -5.43
N ALA A 63 7.82 1.83 -4.63
CA ALA A 63 7.56 3.12 -4.00
C ALA A 63 8.80 3.59 -3.24
N LYS A 64 9.36 2.70 -2.41
CA LYS A 64 10.51 3.07 -1.59
C LYS A 64 11.67 3.61 -2.43
N LYS A 65 11.78 3.17 -3.68
CA LYS A 65 12.93 3.48 -4.53
C LYS A 65 12.56 4.43 -5.64
N LEU A 66 11.44 5.15 -5.51
CA LEU A 66 11.13 6.19 -6.47
C LEU A 66 12.24 7.23 -6.53
N PHE A 67 12.78 7.61 -5.37
CA PHE A 67 13.88 8.57 -5.33
C PHE A 67 15.03 8.02 -4.50
N GLU A 68 16.22 8.59 -4.70
CA GLU A 68 17.39 8.06 -4.02
C GLU A 68 17.21 8.12 -2.50
N ASN A 69 16.77 9.25 -1.96
CA ASN A 69 16.52 9.36 -0.53
C ASN A 69 15.03 9.55 -0.26
N THR A 70 14.39 8.51 0.27
CA THR A 70 12.98 8.54 0.59
C THR A 70 12.70 8.09 2.02
N THR A 71 11.52 8.48 2.50
CA THR A 71 10.84 7.90 3.64
C THR A 71 9.51 7.39 3.12
N LEU A 72 9.29 6.07 3.22
CA LEU A 72 8.08 5.45 2.71
C LEU A 72 7.09 5.30 3.86
N ILE A 73 5.94 5.95 3.73
CA ILE A 73 4.86 5.82 4.69
C ILE A 73 3.82 4.90 4.08
N VAL A 74 3.51 3.86 4.76
CA VAL A 74 2.45 2.96 4.32
C VAL A 74 1.21 3.22 5.16
N GLY A 75 0.06 3.32 4.50
CA GLY A 75 -1.22 3.47 5.18
C GLY A 75 -2.01 2.18 5.05
N VAL A 76 -2.65 1.76 6.15
CA VAL A 76 -3.32 0.47 6.26
C VAL A 76 -4.80 0.71 6.52
N THR A 77 -5.65 0.31 5.57
CA THR A 77 -7.05 0.69 5.66
C THR A 77 -7.75 -0.09 6.76
N SER A 78 -8.72 0.57 7.41
CA SER A 78 -9.39 -0.02 8.57
C SER A 78 -10.26 -1.20 8.14
N ASP A 79 -10.56 -2.05 9.11
CA ASP A 79 -11.36 -3.25 8.84
C ASP A 79 -12.71 -2.88 8.25
N ASN A 80 -13.41 -1.94 8.90
CA ASN A 80 -14.77 -1.63 8.51
C ASN A 80 -14.82 -0.97 7.14
N GLU A 81 -13.96 0.03 6.92
CA GLU A 81 -14.03 0.75 5.66
C GLU A 81 -13.74 -0.19 4.49
N THR A 82 -12.74 -1.05 4.64
CA THR A 82 -12.44 -2.02 3.60
C THR A 82 -13.63 -2.92 3.32
N LYS A 83 -14.16 -3.57 4.37
CA LYS A 83 -15.27 -4.51 4.19
C LYS A 83 -16.53 -3.82 3.70
N LEU A 84 -16.66 -2.52 3.93
CA LEU A 84 -17.84 -1.79 3.48
C LEU A 84 -17.68 -1.27 2.06
N PHE A 85 -16.48 -0.92 1.63
CA PHE A 85 -16.27 -0.39 0.28
C PHE A 85 -15.64 -1.36 -0.70
N LYS A 86 -14.79 -2.28 -0.23
CA LYS A 86 -13.97 -3.09 -1.14
C LYS A 86 -14.41 -4.55 -1.12
N GLY A 87 -14.19 -5.24 -0.01
CA GLY A 87 -14.61 -6.63 0.09
C GLY A 87 -14.08 -7.23 1.37
N GLN A 88 -14.31 -8.54 1.47
CA GLN A 88 -13.89 -9.25 2.65
C GLN A 88 -12.37 -9.18 2.81
N VAL A 89 -11.94 -8.99 4.05
CA VAL A 89 -10.55 -9.06 4.46
C VAL A 89 -10.44 -10.24 5.41
N VAL A 90 -9.32 -10.97 5.36
CA VAL A 90 -9.24 -12.16 6.21
C VAL A 90 -8.39 -11.85 7.42
N GLN A 91 -7.50 -10.89 7.31
CA GLN A 91 -6.66 -10.51 8.43
C GLN A 91 -7.18 -9.22 9.05
N THR A 92 -7.09 -9.14 10.38
CA THR A 92 -7.49 -7.95 11.11
C THR A 92 -6.51 -6.82 10.82
N LEU A 93 -6.88 -5.61 11.26
CA LEU A 93 -6.00 -4.47 11.11
C LEU A 93 -4.68 -4.70 11.82
N GLU A 94 -4.75 -5.10 13.10
CA GLU A 94 -3.54 -5.42 13.85
C GLU A 94 -2.67 -6.40 13.09
N GLU A 95 -3.26 -7.47 12.57
CA GLU A 95 -2.47 -8.49 11.89
C GLU A 95 -1.87 -7.95 10.60
N ARG A 96 -2.65 -7.27 9.77
CA ARG A 96 -2.11 -6.73 8.53
C ARG A 96 -1.00 -5.72 8.81
N THR A 97 -1.08 -5.01 9.93
CA THR A 97 -0.06 -4.02 10.22
C THR A 97 1.19 -4.65 10.85
N GLU A 98 1.02 -5.64 11.72
CA GLU A 98 2.18 -6.28 12.32
C GLU A 98 3.09 -6.85 11.23
N THR A 99 2.50 -7.37 10.17
CA THR A 99 3.28 -7.92 9.07
C THR A 99 4.11 -6.85 8.37
N LEU A 100 3.46 -5.73 8.01
CA LEU A 100 4.15 -4.66 7.29
C LEU A 100 5.36 -4.14 8.06
N LYS A 101 5.31 -4.16 9.39
CA LYS A 101 6.47 -3.81 10.19
C LYS A 101 7.71 -4.65 9.84
N HIS A 102 7.53 -5.85 9.32
CA HIS A 102 8.67 -6.71 9.02
C HIS A 102 9.22 -6.50 7.62
N ILE A 103 8.65 -5.59 6.82
CA ILE A 103 9.09 -5.38 5.45
C ILE A 103 10.20 -4.34 5.45
N ARG A 104 11.31 -4.68 4.78
CA ARG A 104 12.50 -3.82 4.77
C ARG A 104 12.20 -2.40 4.27
N TRP A 105 11.32 -2.27 3.29
CA TRP A 105 11.15 -0.99 2.62
C TRP A 105 10.29 -0.01 3.41
N VAL A 106 9.65 -0.46 4.48
CA VAL A 106 8.61 0.32 5.13
C VAL A 106 9.28 1.11 6.24
N ASP A 107 9.14 2.43 6.16
CA ASP A 107 9.75 3.29 7.17
C ASP A 107 8.76 3.74 8.22
N GLU A 108 7.54 4.10 7.81
CA GLU A 108 6.52 4.51 8.77
C GLU A 108 5.20 3.87 8.36
N ILE A 109 4.38 3.55 9.36
CA ILE A 109 3.06 3.00 9.10
C ILE A 109 2.01 3.89 9.74
N ILE A 110 0.99 4.26 8.97
CA ILE A 110 -0.20 4.89 9.50
C ILE A 110 -1.30 3.85 9.48
N SER A 111 -1.75 3.45 10.66
CA SER A 111 -2.72 2.36 10.83
C SER A 111 -3.68 2.71 11.97
N PRO A 112 -4.97 2.90 11.69
CA PRO A 112 -5.53 2.87 10.34
C PRO A 112 -5.33 4.18 9.62
N CYS A 113 -5.27 4.14 8.32
CA CYS A 113 -5.15 5.33 7.51
C CYS A 113 -6.52 5.74 7.02
N PRO A 114 -6.71 6.98 6.58
CA PRO A 114 -8.02 7.35 6.06
C PRO A 114 -8.29 6.60 4.78
N TRP A 115 -9.58 6.45 4.47
CA TRP A 115 -9.95 5.71 3.27
C TRP A 115 -9.70 6.54 2.02
N VAL A 116 -10.10 7.83 2.03
CA VAL A 116 -9.73 8.73 0.94
C VAL A 116 -8.61 9.63 1.43
N VAL A 117 -7.67 9.90 0.55
CA VAL A 117 -6.56 10.81 0.82
C VAL A 117 -6.99 12.24 0.49
N THR A 118 -6.76 13.14 1.44
CA THR A 118 -7.09 14.55 1.29
C THR A 118 -5.85 15.40 1.16
N PRO A 119 -5.98 16.60 0.60
CA PRO A 119 -4.85 17.54 0.62
C PRO A 119 -4.38 17.89 2.02
N GLU A 120 -5.30 18.02 3.00
CA GLU A 120 -4.90 18.20 4.40
C GLU A 120 -4.01 17.07 4.85
N PHE A 121 -4.35 15.83 4.48
CA PHE A 121 -3.57 14.67 4.91
C PHE A 121 -2.13 14.77 4.42
N LEU A 122 -1.94 15.23 3.18
CA LEU A 122 -0.60 15.45 2.62
C LEU A 122 0.19 16.45 3.45
N GLU A 123 -0.46 17.55 3.83
CA GLU A 123 0.26 18.57 4.59
CA GLU A 123 0.21 18.58 4.61
C GLU A 123 0.57 18.09 6.00
N LYS A 124 -0.36 17.39 6.64
CA LYS A 124 -0.13 16.94 8.01
C LYS A 124 1.10 16.05 8.08
N TYR A 125 1.21 15.06 7.20
CA TYR A 125 2.36 14.16 7.19
C TYR A 125 3.45 14.60 6.22
N LYS A 126 3.38 15.83 5.71
CA LYS A 126 4.42 16.39 4.86
C LYS A 126 4.75 15.46 3.70
N ILE A 127 3.72 14.92 3.06
CA ILE A 127 3.90 13.92 2.01
C ILE A 127 4.17 14.61 0.69
N ASP A 128 5.18 14.12 -0.04
CA ASP A 128 5.53 14.70 -1.32
C ASP A 128 4.93 13.95 -2.49
N TYR A 129 4.71 12.64 -2.34
CA TYR A 129 4.13 11.88 -3.43
C TYR A 129 3.31 10.74 -2.86
N VAL A 130 2.24 10.42 -3.56
CA VAL A 130 1.41 9.26 -3.26
C VAL A 130 1.71 8.20 -4.30
N ALA A 131 2.09 7.00 -3.84
CA ALA A 131 2.43 5.87 -4.70
C ALA A 131 1.33 4.82 -4.62
N HIS A 132 0.76 4.47 -5.77
CA HIS A 132 -0.34 3.50 -5.85
C HIS A 132 -0.43 2.98 -7.28
N ASP A 133 -1.06 1.81 -7.44
CA ASP A 133 -1.29 1.28 -8.78
C ASP A 133 -2.38 2.08 -9.50
N ASP A 134 -2.42 1.94 -10.82
CA ASP A 134 -3.24 2.76 -11.75
C ASP A 134 -3.24 4.27 -11.41
N ASP A 144 -11.51 9.15 -11.37
CA ASP A 144 -10.14 8.66 -11.29
C ASP A 144 -9.65 8.58 -9.84
N ILE A 145 -10.16 9.47 -8.98
CA ILE A 145 -9.84 9.65 -7.55
C ILE A 145 -8.33 9.81 -7.28
N TYR A 146 -7.49 9.52 -8.28
CA TYR A 146 -6.10 9.94 -8.27
C TYR A 146 -5.84 11.12 -9.20
N ALA A 147 -6.85 11.54 -9.96
CA ALA A 147 -6.73 12.69 -10.86
C ALA A 147 -6.17 13.91 -10.15
N TRP A 148 -6.79 14.30 -9.03
CA TRP A 148 -6.33 15.49 -8.34
C TRP A 148 -4.88 15.36 -7.93
N LEU A 149 -4.42 14.14 -7.61
CA LEU A 149 -3.00 13.99 -7.27
C LEU A 149 -2.12 14.12 -8.51
N LYS A 150 -2.53 13.52 -9.61
CA LYS A 150 -1.79 13.72 -10.86
C LYS A 150 -1.76 15.20 -11.23
N ARG A 151 -2.90 15.86 -11.12
CA ARG A 151 -3.00 17.29 -11.45
C ARG A 151 -2.01 18.10 -10.63
N ALA A 152 -1.75 17.68 -9.39
CA ALA A 152 -0.80 18.34 -8.52
C ALA A 152 0.63 17.83 -8.71
N GLY A 153 0.85 16.91 -9.64
CA GLY A 153 2.18 16.33 -9.80
C GLY A 153 2.64 15.49 -8.63
N LYS A 154 1.72 15.08 -7.75
CA LYS A 154 2.03 14.31 -6.56
C LYS A 154 1.64 12.83 -6.68
N PHE A 155 1.49 12.32 -7.90
CA PHE A 155 1.15 10.91 -8.10
C PHE A 155 2.29 10.16 -8.76
N LYS A 156 2.67 9.03 -8.17
CA LYS A 156 3.66 8.14 -8.76
C LYS A 156 3.03 6.75 -8.90
N ALA A 157 2.92 6.27 -10.12
CA ALA A 157 2.27 4.99 -10.37
C ALA A 157 3.23 3.85 -10.04
N THR A 158 2.71 2.81 -9.40
CA THR A 158 3.42 1.55 -9.16
C THR A 158 2.58 0.41 -9.72
N GLN A 159 3.14 -0.80 -9.77
CA GLN A 159 2.55 -1.87 -10.56
C GLN A 159 2.32 -3.12 -9.71
N ARG A 160 1.22 -3.81 -10.01
CA ARG A 160 0.92 -5.09 -9.40
C ARG A 160 1.61 -6.23 -10.15
N THR A 161 1.91 -7.30 -9.42
CA THR A 161 2.47 -8.51 -10.01
C THR A 161 1.43 -9.62 -9.86
N GLU A 162 1.08 -10.24 -10.98
CA GLU A 162 -0.03 -11.17 -10.97
C GLU A 162 0.40 -12.54 -10.46
N GLY A 163 -0.60 -13.38 -10.18
CA GLY A 163 -0.41 -14.79 -9.87
C GLY A 163 0.37 -15.12 -8.62
N VAL A 164 1.12 -14.17 -8.08
CA VAL A 164 1.97 -14.44 -6.92
C VAL A 164 1.19 -14.32 -5.61
N SER A 165 -0.14 -14.32 -5.69
CA SER A 165 -0.93 -14.04 -4.50
C SER A 165 -1.19 -15.30 -3.67
N THR A 166 -1.52 -15.07 -2.40
CA THR A 166 -1.71 -16.15 -1.45
C THR A 166 -2.94 -16.99 -1.79
N THR A 167 -3.94 -16.42 -2.48
CA THR A 167 -5.03 -17.26 -2.94
C THR A 167 -4.52 -18.25 -3.99
N ASP A 168 -3.71 -17.80 -4.95
CA ASP A 168 -3.21 -18.68 -5.99
C ASP A 168 -2.23 -19.71 -5.49
N LEU A 169 -1.88 -19.67 -4.20
CA LEU A 169 -0.97 -20.68 -3.67
C LEU A 169 -1.74 -21.91 -3.24
N ILE A 170 -2.94 -21.72 -2.68
CA ILE A 170 -3.75 -22.86 -2.32
C ILE A 170 -4.16 -23.63 -3.57
N VAL A 171 -4.39 -22.92 -4.68
CA VAL A 171 -4.63 -23.57 -5.96
C VAL A 171 -3.54 -24.58 -6.24
N ARG A 172 -2.30 -24.18 -6.01
CA ARG A 172 -1.16 -25.05 -6.26
C ARG A 172 -1.19 -26.26 -5.33
N ILE A 173 -1.37 -26.03 -4.03
CA ILE A 173 -1.56 -27.14 -3.10
C ILE A 173 -2.67 -28.04 -3.58
N LEU A 174 -3.77 -27.45 -4.05
CA LEU A 174 -4.96 -28.22 -4.35
C LEU A 174 -4.83 -29.04 -5.63
N LYS A 175 -4.11 -28.54 -6.63
CA LYS A 175 -3.93 -29.33 -7.85
C LYS A 175 -2.83 -30.37 -7.66
N ASN A 176 -2.66 -30.84 -6.42
CA ASN A 176 -2.08 -32.12 -6.07
C ASN A 176 -3.11 -33.24 -6.13
N TYR A 177 -4.33 -32.91 -6.56
CA TYR A 177 -5.48 -33.82 -6.55
C TYR A 177 -6.27 -33.63 -7.84
N GLU A 178 -6.47 -34.72 -8.58
CA GLU A 178 -7.17 -34.67 -9.85
C GLU A 178 -8.67 -34.84 -9.68
C4 S3V B . -7.16 1.18 -1.36
C5 S3V B . -6.85 -0.04 -2.27
N S3V B . -7.73 3.41 0.33
C S3V B . -6.14 2.05 -0.93
O S3V B . -6.32 -1.05 -1.76
C1 S3V B . -6.47 3.12 -0.11
C2 S3V B . -8.69 2.56 -0.11
C3 S3V B . -8.46 1.45 -0.94
O1 S3V B . -7.18 0.11 -3.49
#